data_2AS2
#
_entry.id   2AS2
#
_cell.length_a   50.929
_cell.length_b   75.056
_cell.length_c   106.787
_cell.angle_alpha   90.00
_cell.angle_beta   90.00
_cell.angle_gamma   90.00
#
_symmetry.space_group_name_H-M   'P 21 21 21'
#
loop_
_entity.id
_entity.type
_entity.pdbx_description
1 polymer 'Cytochrome c peroxidase, mitochondrial'
2 non-polymer 'PROTOPORPHYRIN IX CONTAINING FE'
3 non-polymer PIPERIDIN-2-IMINE
4 water water
#
_entity_poly.entity_id   1
_entity_poly.type   'polypeptide(L)'
_entity_poly.pdbx_seq_one_letter_code
;MKTLVHVASVEKGRSYEDFQKVYNAIALKLREDDEYDNYIGYGPVLVRLAWHISGTWDKHDNTGGSYGGTYRFKKEFNDP
SNAGLQNGFKFLEPIHKEFPWISSGDLFSLGGVTAVQEMQGPKIPWRCGRVDTPEDTTPDNGRLPDADKDAGYVRTFFQR
LNMNDREVVALMGAHALGKTHLKNSGYEGPGGAANNVFTNEFYLNLLNEDWKLEKNDANNEQWDSKSGYMMLPTDYSLIQ
DPKYLSIVKEYANDQDKFFKDFSKAFEKLLENGITFPKDAPSPFIFKTLEEQGL
;
_entity_poly.pdbx_strand_id   A
#
loop_
_chem_comp.id
_chem_comp.type
_chem_comp.name
_chem_comp.formula
2IM non-polymer PIPERIDIN-2-IMINE 'C5 H10 N2'
HEM non-polymer 'PROTOPORPHYRIN IX CONTAINING FE' 'C34 H32 Fe N4 O4'
#
# COMPACT_ATOMS: atom_id res chain seq x y z
N LEU A 4 -18.22 17.24 -2.07
CA LEU A 4 -17.38 16.81 -3.22
C LEU A 4 -17.63 15.34 -3.49
N VAL A 5 -18.23 15.03 -4.62
CA VAL A 5 -18.61 13.65 -4.85
C VAL A 5 -17.93 13.13 -6.10
N HIS A 6 -17.32 11.98 -5.97
CA HIS A 6 -16.65 11.28 -7.06
C HIS A 6 -17.36 9.99 -7.41
N VAL A 7 -18.08 9.96 -8.53
CA VAL A 7 -18.84 8.75 -8.86
C VAL A 7 -18.04 7.86 -9.79
N ALA A 8 -17.88 6.59 -9.42
CA ALA A 8 -17.19 5.59 -10.25
C ALA A 8 -17.90 5.46 -11.59
N SER A 9 -17.11 5.52 -12.64
CA SER A 9 -17.65 5.41 -14.00
C SER A 9 -16.81 4.35 -14.73
N VAL A 10 -17.37 3.20 -15.07
CA VAL A 10 -16.60 2.13 -15.68
C VAL A 10 -16.04 2.57 -17.03
N GLU A 11 -14.78 2.26 -17.25
CA GLU A 11 -14.17 2.55 -18.58
C GLU A 11 -15.04 1.96 -19.66
N LYS A 12 -15.32 2.71 -20.73
CA LYS A 12 -16.44 2.38 -21.61
C LYS A 12 -16.35 0.99 -22.22
N GLY A 13 -17.36 0.16 -21.98
CA GLY A 13 -17.48 -1.16 -22.51
C GLY A 13 -16.64 -2.20 -21.81
N ARG A 14 -15.88 -1.87 -20.76
CA ARG A 14 -14.96 -2.83 -20.16
C ARG A 14 -15.65 -3.70 -19.11
N SER A 15 -15.10 -4.90 -18.97
CA SER A 15 -15.59 -5.85 -17.99
C SER A 15 -14.45 -6.62 -17.35
N TYR A 16 -14.83 -7.62 -16.54
CA TYR A 16 -13.80 -8.34 -15.78
C TYR A 16 -12.62 -8.80 -16.63
N GLU A 17 -12.90 -9.37 -17.79
CA GLU A 17 -11.82 -9.91 -18.62
C GLU A 17 -10.80 -8.85 -18.97
N ASP A 18 -11.23 -7.63 -19.27
CA ASP A 18 -10.31 -6.54 -19.64
C ASP A 18 -9.35 -6.25 -18.49
N PHE A 19 -9.94 -6.18 -17.29
CA PHE A 19 -9.06 -5.87 -16.14
C PHE A 19 -8.19 -7.06 -15.75
N GLN A 20 -8.65 -8.29 -15.97
CA GLN A 20 -7.77 -9.46 -15.73
C GLN A 20 -6.60 -9.38 -16.69
N LYS A 21 -6.78 -8.87 -17.92
CA LYS A 21 -5.66 -8.74 -18.85
C LYS A 21 -4.64 -7.75 -18.30
N VAL A 22 -5.09 -6.65 -17.71
CA VAL A 22 -4.18 -5.65 -17.16
C VAL A 22 -3.48 -6.25 -15.96
N TYR A 23 -4.22 -6.88 -15.06
CA TYR A 23 -3.61 -7.64 -13.95
C TYR A 23 -2.49 -8.51 -14.53
N ASN A 24 -2.81 -9.32 -15.53
CA ASN A 24 -1.83 -10.31 -15.98
C ASN A 24 -0.60 -9.60 -16.53
N ALA A 25 -0.77 -8.49 -17.22
CA ALA A 25 0.41 -7.78 -17.76
C ALA A 25 1.31 -7.26 -16.62
N ILE A 26 0.68 -6.70 -15.58
CA ILE A 26 1.42 -6.27 -14.39
C ILE A 26 2.15 -7.47 -13.77
N ALA A 27 1.42 -8.56 -13.60
CA ALA A 27 1.96 -9.75 -12.91
C ALA A 27 3.11 -10.34 -13.72
N LEU A 28 2.99 -10.38 -15.06
CA LEU A 28 4.08 -10.99 -15.87
C LEU A 28 5.32 -10.09 -15.79
N LYS A 29 5.14 -8.76 -15.77
CA LYS A 29 6.27 -7.83 -15.66
C LYS A 29 6.88 -7.94 -14.27
N LEU A 30 6.06 -8.17 -13.23
CA LEU A 30 6.63 -8.40 -11.90
C LEU A 30 7.58 -9.59 -11.86
N ARG A 31 7.15 -10.62 -12.59
CA ARG A 31 7.94 -11.84 -12.69
C ARG A 31 9.19 -11.55 -13.51
N GLU A 32 9.07 -10.84 -14.60
CA GLU A 32 10.22 -10.64 -15.50
C GLU A 32 11.30 -9.70 -14.98
N ASP A 33 10.89 -8.58 -14.38
CA ASP A 33 11.82 -7.55 -13.91
C ASP A 33 12.25 -7.83 -12.47
N ASP A 34 12.90 -8.99 -12.30
CA ASP A 34 13.12 -9.48 -10.94
C ASP A 34 14.33 -8.92 -10.24
N GLU A 35 15.15 -8.17 -10.96
CA GLU A 35 16.43 -7.72 -10.41
C GLU A 35 16.30 -6.51 -9.49
N TYR A 36 15.21 -5.77 -9.66
CA TYR A 36 15.02 -4.45 -9.07
C TYR A 36 15.28 -4.50 -7.56
N ASP A 37 15.98 -3.48 -7.05
CA ASP A 37 16.18 -3.31 -5.61
C ASP A 37 16.81 -4.58 -5.02
N ASN A 38 17.95 -4.98 -5.57
CA ASN A 38 18.72 -6.12 -5.10
C ASN A 38 17.85 -7.38 -4.99
N TYR A 39 17.13 -7.68 -6.04
CA TYR A 39 16.31 -8.84 -6.27
C TYR A 39 15.03 -8.96 -5.30
N ILE A 40 14.67 -7.83 -4.69
CA ILE A 40 13.35 -7.75 -4.05
C ILE A 40 12.28 -7.80 -5.12
N GLY A 41 12.53 -7.12 -6.25
CA GLY A 41 11.41 -7.05 -7.23
C GLY A 41 10.53 -5.83 -6.94
N TYR A 42 9.60 -5.59 -7.87
CA TYR A 42 8.79 -4.38 -7.81
C TYR A 42 7.53 -4.52 -6.98
N GLY A 43 7.30 -5.70 -6.40
CA GLY A 43 6.05 -5.87 -5.65
C GLY A 43 5.85 -4.86 -4.54
N PRO A 44 6.77 -4.76 -3.60
CA PRO A 44 6.64 -3.82 -2.48
C PRO A 44 6.46 -2.36 -2.94
N VAL A 45 7.26 -1.86 -3.87
CA VAL A 45 7.07 -0.45 -4.26
C VAL A 45 5.70 -0.26 -4.88
N LEU A 46 5.12 -1.23 -5.58
CA LEU A 46 3.77 -1.05 -6.11
C LEU A 46 2.72 -1.00 -5.01
N VAL A 47 2.95 -1.76 -3.94
CA VAL A 47 2.02 -1.70 -2.79
C VAL A 47 2.16 -0.33 -2.13
N ARG A 48 3.36 0.18 -1.96
CA ARG A 48 3.49 1.50 -1.35
C ARG A 48 2.90 2.58 -2.23
N LEU A 49 3.04 2.46 -3.58
CA LEU A 49 2.44 3.44 -4.49
C LEU A 49 0.94 3.44 -4.32
N ALA A 50 0.29 2.27 -4.30
CA ALA A 50 -1.18 2.24 -4.16
C ALA A 50 -1.62 2.86 -2.86
N TRP A 51 -0.84 2.63 -1.81
CA TRP A 51 -1.17 3.25 -0.52
C TRP A 51 -0.96 4.76 -0.58
N HIS A 52 0.13 5.26 -1.14
CA HIS A 52 0.35 6.72 -1.15
C HIS A 52 -0.62 7.45 -2.04
N ILE A 53 -1.09 6.84 -3.13
CA ILE A 53 -2.05 7.60 -3.96
C ILE A 53 -3.39 7.62 -3.25
N SER A 54 -3.65 6.72 -2.32
CA SER A 54 -4.92 6.64 -1.60
C SER A 54 -4.87 7.41 -0.27
N GLY A 55 -3.67 7.45 0.32
CA GLY A 55 -3.51 7.97 1.66
C GLY A 55 -3.51 9.46 1.75
N THR A 56 -3.65 10.17 0.64
CA THR A 56 -3.88 11.60 0.66
C THR A 56 -5.34 11.97 0.96
N TRP A 57 -6.24 11.00 1.04
CA TRP A 57 -7.66 11.30 1.24
C TRP A 57 -7.93 12.01 2.55
N ASP A 58 -8.91 12.90 2.53
CA ASP A 58 -9.35 13.52 3.76
C ASP A 58 -10.86 13.28 3.87
N LYS A 59 -11.35 12.52 4.83
CA LYS A 59 -12.78 12.22 4.95
C LYS A 59 -13.61 13.49 5.16
N HIS A 60 -13.03 14.58 5.67
CA HIS A 60 -13.85 15.75 5.95
C HIS A 60 -14.39 16.47 4.72
N ASP A 61 -13.61 16.46 3.63
CA ASP A 61 -14.04 17.19 2.44
C ASP A 61 -13.86 16.39 1.17
N ASN A 62 -13.46 15.12 1.28
CA ASN A 62 -13.30 14.22 0.13
C ASN A 62 -12.28 14.73 -0.89
N THR A 63 -11.27 15.44 -0.38
CA THR A 63 -10.15 15.83 -1.21
C THR A 63 -9.14 14.68 -1.15
N GLY A 64 -8.25 14.67 -2.14
CA GLY A 64 -7.30 13.55 -2.16
C GLY A 64 -7.95 12.24 -2.55
N GLY A 65 -7.27 11.12 -2.26
CA GLY A 65 -7.81 9.81 -2.52
C GLY A 65 -7.41 9.30 -3.89
N SER A 66 -7.61 8.00 -4.10
CA SER A 66 -7.18 7.37 -5.35
C SER A 66 -7.95 7.78 -6.59
N TYR A 67 -9.19 8.27 -6.45
CA TYR A 67 -10.06 8.45 -7.61
C TYR A 67 -9.43 9.21 -8.78
N GLY A 68 -8.84 10.35 -8.51
CA GLY A 68 -8.48 11.28 -9.59
C GLY A 68 -7.15 10.98 -10.24
N GLY A 69 -6.37 10.01 -9.72
CA GLY A 69 -5.14 9.70 -10.43
C GLY A 69 -4.11 10.82 -10.37
N THR A 70 -4.14 11.65 -9.34
CA THR A 70 -3.39 12.89 -9.41
C THR A 70 -1.90 12.76 -9.17
N TYR A 71 -1.49 11.58 -8.75
CA TYR A 71 -0.04 11.28 -8.65
C TYR A 71 0.64 11.52 -9.98
N ARG A 72 -0.04 11.45 -11.12
CA ARG A 72 0.62 11.77 -12.38
C ARG A 72 0.99 13.24 -12.51
N PHE A 73 0.59 14.14 -11.63
CA PHE A 73 0.91 15.57 -11.69
C PHE A 73 2.08 15.94 -10.78
N LYS A 74 2.94 16.84 -11.22
CA LYS A 74 4.23 17.17 -10.62
C LYS A 74 4.09 17.42 -9.13
N LYS A 75 3.03 18.10 -8.71
CA LYS A 75 3.08 18.47 -7.28
C LYS A 75 3.06 17.24 -6.39
N GLU A 76 2.24 16.28 -6.78
CA GLU A 76 2.15 15.05 -5.99
C GLU A 76 3.29 14.09 -6.31
N PHE A 77 3.67 13.95 -7.60
CA PHE A 77 4.82 13.10 -7.94
C PHE A 77 6.08 13.51 -7.17
N ASN A 78 6.20 14.83 -6.93
CA ASN A 78 7.43 15.32 -6.27
C ASN A 78 7.27 15.54 -4.77
N ASP A 79 6.17 15.08 -4.17
CA ASP A 79 6.06 15.14 -2.70
C ASP A 79 7.22 14.42 -2.07
N PRO A 80 7.95 15.03 -1.14
CA PRO A 80 9.02 14.30 -0.42
C PRO A 80 8.57 12.95 0.12
N SER A 81 7.32 12.85 0.60
CA SER A 81 6.82 11.60 1.13
C SER A 81 6.72 10.51 0.07
N ASN A 82 6.78 10.90 -1.20
CA ASN A 82 6.64 9.92 -2.28
C ASN A 82 7.99 9.58 -2.92
N ALA A 83 9.10 9.97 -2.31
CA ALA A 83 10.40 9.70 -2.92
C ALA A 83 10.62 8.20 -3.05
N GLY A 84 11.04 7.80 -4.24
CA GLY A 84 11.19 6.39 -4.52
C GLY A 84 10.04 5.83 -5.34
N LEU A 85 8.82 6.37 -5.23
CA LEU A 85 7.68 5.78 -5.93
C LEU A 85 7.75 6.02 -7.42
N GLN A 86 8.59 6.91 -7.89
CA GLN A 86 8.85 7.07 -9.32
C GLN A 86 9.20 5.71 -9.94
N ASN A 87 9.86 4.83 -9.19
CA ASN A 87 10.19 3.53 -9.76
C ASN A 87 8.96 2.71 -10.07
N GLY A 88 7.96 2.86 -9.19
CA GLY A 88 6.69 2.18 -9.43
C GLY A 88 5.95 2.74 -10.61
N PHE A 89 5.98 4.06 -10.69
CA PHE A 89 5.29 4.69 -11.84
C PHE A 89 5.95 4.26 -13.14
N LYS A 90 7.28 4.23 -13.13
CA LYS A 90 7.94 3.86 -14.39
C LYS A 90 7.64 2.43 -14.77
N PHE A 91 7.55 1.55 -13.75
CA PHE A 91 7.19 0.17 -14.01
C PHE A 91 5.84 0.18 -14.73
N LEU A 92 4.87 0.94 -14.23
CA LEU A 92 3.52 0.83 -14.79
C LEU A 92 3.36 1.58 -16.11
N GLU A 93 4.33 2.41 -16.50
CA GLU A 93 4.16 3.14 -17.76
C GLU A 93 3.93 2.23 -18.97
N PRO A 94 4.76 1.23 -19.23
CA PRO A 94 4.49 0.37 -20.40
C PRO A 94 3.16 -0.33 -20.27
N ILE A 95 2.70 -0.56 -19.04
CA ILE A 95 1.39 -1.19 -18.89
C ILE A 95 0.28 -0.25 -19.36
N HIS A 96 0.39 1.01 -18.94
CA HIS A 96 -0.55 2.05 -19.37
C HIS A 96 -0.46 2.21 -20.88
N LYS A 97 0.74 2.13 -21.47
CA LYS A 97 0.82 2.28 -22.93
C LYS A 97 0.08 1.17 -23.63
N GLU A 98 0.10 -0.07 -23.11
CA GLU A 98 -0.56 -1.20 -23.73
C GLU A 98 -2.06 -1.13 -23.52
N PHE A 99 -2.43 -0.57 -22.37
CA PHE A 99 -3.86 -0.47 -22.04
C PHE A 99 -4.25 0.98 -21.78
N PRO A 100 -4.23 1.81 -22.83
CA PRO A 100 -4.38 3.23 -22.59
C PRO A 100 -5.76 3.61 -22.09
N TRP A 101 -6.73 2.70 -22.12
CA TRP A 101 -8.10 2.99 -21.75
C TRP A 101 -8.28 2.97 -20.25
N ILE A 102 -7.31 2.38 -19.52
CA ILE A 102 -7.55 2.36 -18.06
C ILE A 102 -7.19 3.71 -17.42
N SER A 103 -7.97 4.14 -16.43
CA SER A 103 -7.68 5.40 -15.74
C SER A 103 -6.41 5.23 -14.89
N SER A 104 -5.78 6.38 -14.57
CA SER A 104 -4.57 6.35 -13.80
C SER A 104 -4.85 5.84 -12.39
N GLY A 105 -5.91 6.30 -11.72
CA GLY A 105 -6.25 5.75 -10.41
C GLY A 105 -6.49 4.26 -10.43
N ASP A 106 -7.23 3.78 -11.45
CA ASP A 106 -7.47 2.33 -11.56
C ASP A 106 -6.14 1.62 -11.73
N LEU A 107 -5.25 2.15 -12.59
CA LEU A 107 -3.96 1.46 -12.78
C LEU A 107 -3.14 1.43 -11.50
N PHE A 108 -3.01 2.56 -10.79
CA PHE A 108 -2.14 2.57 -9.63
C PHE A 108 -2.72 1.66 -8.54
N SER A 109 -4.06 1.73 -8.35
CA SER A 109 -4.62 0.87 -7.31
C SER A 109 -4.55 -0.60 -7.73
N LEU A 110 -4.77 -0.91 -8.99
CA LEU A 110 -4.68 -2.32 -9.45
C LEU A 110 -3.26 -2.86 -9.32
N GLY A 111 -2.28 -1.95 -9.50
CA GLY A 111 -0.89 -2.38 -9.37
C GLY A 111 -0.65 -2.88 -7.94
N GLY A 112 -1.23 -2.24 -6.92
CA GLY A 112 -1.03 -2.68 -5.56
C GLY A 112 -1.79 -3.96 -5.30
N VAL A 113 -3.01 -4.16 -5.77
CA VAL A 113 -3.72 -5.43 -5.67
C VAL A 113 -2.94 -6.56 -6.30
N THR A 114 -2.47 -6.31 -7.53
CA THR A 114 -1.72 -7.33 -8.25
C THR A 114 -0.48 -7.73 -7.47
N ALA A 115 0.28 -6.72 -6.96
CA ALA A 115 1.51 -7.06 -6.23
C ALA A 115 1.22 -7.91 -4.98
N VAL A 116 0.21 -7.50 -4.19
CA VAL A 116 -0.12 -8.30 -3.01
C VAL A 116 -0.42 -9.75 -3.42
N GLN A 117 -1.32 -9.94 -4.41
CA GLN A 117 -1.72 -11.30 -4.72
C GLN A 117 -0.56 -12.09 -5.31
N GLU A 118 0.26 -11.45 -6.13
CA GLU A 118 1.34 -12.21 -6.80
C GLU A 118 2.39 -12.57 -5.76
N MET A 119 2.51 -11.76 -4.71
CA MET A 119 3.44 -12.08 -3.63
C MET A 119 2.81 -13.07 -2.64
N GLN A 120 1.75 -13.79 -3.01
CA GLN A 120 1.12 -14.86 -2.24
C GLN A 120 0.31 -14.30 -1.07
N GLY A 121 -0.10 -13.07 -1.19
CA GLY A 121 -0.94 -12.45 -0.16
C GLY A 121 -2.40 -12.84 -0.35
N PRO A 122 -3.31 -12.22 0.41
CA PRO A 122 -4.73 -12.53 0.23
C PRO A 122 -5.29 -12.00 -1.07
N LYS A 123 -6.39 -12.61 -1.52
CA LYS A 123 -7.16 -11.93 -2.57
C LYS A 123 -7.70 -10.59 -2.05
N ILE A 124 -7.62 -9.57 -2.91
CA ILE A 124 -8.10 -8.25 -2.63
C ILE A 124 -9.15 -7.92 -3.68
N PRO A 125 -10.43 -7.92 -3.32
CA PRO A 125 -11.45 -7.49 -4.31
C PRO A 125 -11.15 -6.06 -4.75
N TRP A 126 -11.42 -5.80 -6.02
CA TRP A 126 -11.02 -4.51 -6.60
C TRP A 126 -12.14 -4.03 -7.50
N ARG A 127 -12.47 -2.76 -7.43
CA ARG A 127 -13.53 -2.16 -8.26
C ARG A 127 -12.92 -1.13 -9.23
N CYS A 128 -13.46 -1.11 -10.44
CA CYS A 128 -13.00 -0.15 -11.44
C CYS A 128 -13.82 1.13 -11.37
N GLY A 129 -13.37 2.10 -12.18
CA GLY A 129 -14.23 3.27 -12.39
C GLY A 129 -13.68 4.55 -11.77
N ARG A 130 -12.44 4.56 -11.25
CA ARG A 130 -11.81 5.87 -10.94
C ARG A 130 -11.67 6.65 -12.24
N VAL A 131 -11.79 7.98 -12.19
CA VAL A 131 -11.74 8.84 -13.38
C VAL A 131 -10.68 9.89 -13.18
N ASP A 132 -9.82 10.08 -14.17
CA ASP A 132 -8.75 11.06 -14.02
C ASP A 132 -9.33 12.44 -13.83
N THR A 133 -8.82 13.23 -12.91
CA THR A 133 -9.33 14.59 -12.68
C THR A 133 -8.21 15.58 -12.96
N PRO A 134 -8.49 16.85 -13.15
CA PRO A 134 -7.45 17.79 -13.58
C PRO A 134 -6.39 18.13 -12.56
N GLU A 135 -5.36 18.82 -13.08
CA GLU A 135 -4.20 19.08 -12.22
C GLU A 135 -4.59 19.87 -10.98
N ASP A 136 -5.63 20.72 -11.11
CA ASP A 136 -5.87 21.55 -9.91
C ASP A 136 -6.57 20.75 -8.82
N THR A 137 -6.91 19.50 -9.06
CA THR A 137 -7.50 18.70 -7.97
C THR A 137 -6.47 17.91 -7.19
N THR A 138 -5.21 18.08 -7.56
CA THR A 138 -4.10 17.41 -6.85
C THR A 138 -3.96 17.94 -5.43
N PRO A 139 -3.89 17.05 -4.46
CA PRO A 139 -3.74 17.53 -3.08
C PRO A 139 -2.35 18.03 -2.78
N ASP A 140 -2.26 19.01 -1.88
CA ASP A 140 -0.96 19.54 -1.47
C ASP A 140 -0.15 18.47 -0.77
N ASN A 141 1.17 18.64 -0.79
CA ASN A 141 2.04 17.76 -0.03
C ASN A 141 1.69 17.86 1.45
N GLY A 142 2.06 16.82 2.19
CA GLY A 142 1.96 16.90 3.66
C GLY A 142 0.84 16.08 4.28
N ARG A 143 0.10 15.34 3.44
CA ARG A 143 -1.00 14.57 3.94
C ARG A 143 -0.62 13.13 4.28
N LEU A 144 0.57 12.67 3.89
CA LEU A 144 1.01 11.32 4.22
C LEU A 144 1.73 11.33 5.57
N PRO A 145 1.80 10.21 6.28
CA PRO A 145 2.25 10.29 7.67
C PRO A 145 3.76 10.35 7.89
N ASP A 146 4.18 10.94 9.02
CA ASP A 146 5.57 10.91 9.45
C ASP A 146 5.91 9.61 10.14
N ALA A 147 7.16 9.15 10.08
CA ALA A 147 7.53 7.86 10.66
C ALA A 147 8.23 8.02 12.00
N ASP A 148 8.52 9.25 12.38
N ASP A 148 8.55 9.22 12.48
CA ASP A 148 9.26 9.56 13.61
CA ASP A 148 9.32 9.34 13.72
C ASP A 148 8.30 9.98 14.71
C ASP A 148 8.45 9.45 14.96
N LYS A 149 7.17 9.27 14.87
N LYS A 149 7.14 9.33 14.83
CA LYS A 149 6.14 9.60 15.83
CA LYS A 149 6.14 9.60 15.84
C LYS A 149 5.69 8.39 16.63
N ASP A 150 4.77 8.62 17.59
CA ASP A 150 4.32 7.58 18.51
C ASP A 150 2.92 7.07 18.20
N ALA A 151 2.40 6.21 19.08
CA ALA A 151 1.12 5.54 18.79
C ALA A 151 -0.02 6.54 18.71
N GLY A 152 -0.02 7.60 19.55
CA GLY A 152 -1.14 8.52 19.53
C GLY A 152 -1.14 9.28 18.21
N TYR A 153 0.05 9.58 17.66
CA TYR A 153 0.07 10.22 16.36
C TYR A 153 -0.57 9.34 15.29
N VAL A 154 -0.17 8.05 15.30
CA VAL A 154 -0.61 7.06 14.32
C VAL A 154 -2.13 6.96 14.38
N ARG A 155 -2.63 6.90 15.61
CA ARG A 155 -4.08 6.71 15.79
C ARG A 155 -4.83 7.90 15.23
N THR A 156 -4.40 9.10 15.62
CA THR A 156 -5.04 10.32 15.15
C THR A 156 -4.91 10.49 13.65
N PHE A 157 -3.72 10.18 13.11
CA PHE A 157 -3.50 10.33 11.68
C PHE A 157 -4.56 9.55 10.91
N PHE A 158 -4.68 8.27 11.29
CA PHE A 158 -5.55 7.36 10.51
C PHE A 158 -7.03 7.65 10.71
N GLN A 159 -7.42 8.39 11.75
CA GLN A 159 -8.84 8.81 11.79
C GLN A 159 -9.20 9.63 10.55
N ARG A 160 -8.25 10.37 9.98
CA ARG A 160 -8.58 11.17 8.80
C ARG A 160 -8.93 10.29 7.59
N LEU A 161 -8.42 9.06 7.58
CA LEU A 161 -8.68 8.07 6.51
C LEU A 161 -9.82 7.15 6.95
N ASN A 162 -10.52 7.48 8.04
CA ASN A 162 -11.62 6.66 8.57
C ASN A 162 -11.14 5.23 8.88
N MET A 163 -9.91 5.11 9.42
CA MET A 163 -9.44 3.79 9.85
C MET A 163 -9.38 3.68 11.37
N ASN A 164 -9.82 2.53 11.89
CA ASN A 164 -9.84 2.27 13.33
C ASN A 164 -8.57 1.50 13.75
N ASP A 165 -8.42 1.13 15.03
CA ASP A 165 -7.21 0.46 15.47
C ASP A 165 -6.94 -0.83 14.70
N ARG A 166 -7.97 -1.66 14.54
N ARG A 166 -7.99 -1.61 14.54
CA ARG A 166 -7.72 -2.94 13.85
CA ARG A 166 -7.90 -2.89 13.86
C ARG A 166 -7.29 -2.69 12.42
C ARG A 166 -7.45 -2.78 12.41
N GLU A 167 -7.93 -1.74 11.73
CA GLU A 167 -7.58 -1.49 10.33
C GLU A 167 -6.16 -0.94 10.22
N VAL A 168 -5.77 -0.04 11.12
CA VAL A 168 -4.41 0.47 11.14
C VAL A 168 -3.40 -0.64 11.35
N VAL A 169 -3.60 -1.50 12.36
CA VAL A 169 -2.62 -2.55 12.62
C VAL A 169 -2.55 -3.53 11.46
N ALA A 170 -3.72 -3.87 10.89
CA ALA A 170 -3.73 -4.77 9.71
C ALA A 170 -2.97 -4.15 8.56
N LEU A 171 -3.28 -2.87 8.23
CA LEU A 171 -2.59 -2.28 7.08
C LEU A 171 -1.09 -2.24 7.30
N MET A 172 -0.64 -2.00 8.54
CA MET A 172 0.81 -1.87 8.77
C MET A 172 1.55 -3.17 8.55
N GLY A 173 0.82 -4.29 8.49
CA GLY A 173 1.49 -5.59 8.20
C GLY A 173 2.16 -5.58 6.83
N ALA A 174 1.75 -4.64 5.95
CA ALA A 174 2.47 -4.51 4.68
C ALA A 174 3.94 -4.16 4.89
N HIS A 175 4.37 -3.71 6.09
CA HIS A 175 5.77 -3.41 6.30
C HIS A 175 6.63 -4.66 6.45
N ALA A 176 6.02 -5.86 6.32
CA ALA A 176 6.86 -7.05 6.07
C ALA A 176 7.50 -7.00 4.69
N LEU A 177 7.01 -6.13 3.81
CA LEU A 177 7.45 -6.06 2.41
C LEU A 177 8.53 -5.02 2.18
N GLY A 178 9.43 -5.31 1.26
CA GLY A 178 10.36 -4.29 0.82
C GLY A 178 11.33 -3.83 1.93
N LYS A 179 11.69 -2.56 1.85
CA LYS A 179 12.65 -2.01 2.77
C LYS A 179 12.57 -0.48 2.81
N THR A 180 13.15 0.08 3.86
CA THR A 180 13.43 1.50 3.86
C THR A 180 14.76 1.72 3.14
N HIS A 181 14.80 2.84 2.42
CA HIS A 181 16.00 3.23 1.72
C HIS A 181 16.48 4.60 2.25
N LEU A 182 17.72 4.69 2.73
CA LEU A 182 18.16 5.89 3.41
C LEU A 182 17.94 7.14 2.54
N LYS A 183 18.23 7.06 1.23
CA LYS A 183 18.10 8.23 0.34
C LYS A 183 16.66 8.62 0.10
N ASN A 184 15.70 7.71 0.25
CA ASN A 184 14.31 8.08 0.05
C ASN A 184 13.67 8.69 1.28
N SER A 185 13.93 8.07 2.44
CA SER A 185 13.14 8.43 3.62
C SER A 185 13.98 8.74 4.86
N GLY A 186 15.31 8.58 4.80
CA GLY A 186 16.14 8.78 5.99
C GLY A 186 16.06 7.60 6.96
N TYR A 187 15.65 6.44 6.48
CA TYR A 187 15.59 5.18 7.22
C TYR A 187 16.22 4.09 6.35
N GLU A 188 16.81 3.09 6.99
CA GLU A 188 17.47 2.06 6.19
C GLU A 188 17.17 0.64 6.71
N GLY A 189 16.82 -0.25 5.81
CA GLY A 189 16.77 -1.69 6.13
C GLY A 189 15.40 -2.32 5.94
N PRO A 190 15.33 -3.65 5.90
CA PRO A 190 14.07 -4.39 5.73
C PRO A 190 13.44 -4.77 7.06
N GLY A 191 12.18 -5.21 7.08
CA GLY A 191 11.59 -5.52 8.38
C GLY A 191 11.59 -7.00 8.69
N GLY A 192 12.12 -7.82 7.78
CA GLY A 192 12.19 -9.26 8.00
C GLY A 192 12.90 -9.93 6.84
N ALA A 193 12.85 -11.25 6.81
CA ALA A 193 13.58 -12.08 5.87
C ALA A 193 12.82 -12.36 4.60
N ALA A 194 11.50 -12.43 4.63
CA ALA A 194 10.76 -12.80 3.40
C ALA A 194 10.09 -11.57 2.80
N ASN A 195 10.88 -10.57 2.43
CA ASN A 195 10.30 -9.26 2.21
C ASN A 195 9.84 -9.14 0.76
N ASN A 196 9.71 -10.20 -0.03
CA ASN A 196 8.88 -10.06 -1.24
C ASN A 196 7.82 -11.17 -1.28
N VAL A 197 7.50 -11.73 -0.10
CA VAL A 197 6.41 -12.66 0.09
C VAL A 197 5.48 -12.07 1.13
N PHE A 198 4.20 -12.00 0.86
CA PHE A 198 3.24 -11.39 1.79
C PHE A 198 2.91 -12.38 2.88
N THR A 199 3.33 -12.10 4.13
CA THR A 199 3.06 -13.00 5.26
C THR A 199 2.77 -12.10 6.47
N ASN A 200 2.51 -12.74 7.62
CA ASN A 200 2.37 -11.99 8.85
C ASN A 200 3.69 -11.82 9.63
N GLU A 201 4.81 -11.87 8.94
CA GLU A 201 6.12 -11.76 9.56
C GLU A 201 6.29 -10.46 10.29
N PHE A 202 5.65 -9.36 9.90
CA PHE A 202 5.87 -8.07 10.58
C PHE A 202 5.54 -8.18 12.06
N TYR A 203 4.41 -8.86 12.36
CA TYR A 203 3.90 -9.00 13.74
C TYR A 203 4.79 -9.99 14.50
N LEU A 204 5.17 -11.08 13.87
CA LEU A 204 6.06 -12.03 14.52
C LEU A 204 7.37 -11.35 14.91
N ASN A 205 7.93 -10.54 13.98
CA ASN A 205 9.23 -9.90 14.24
C ASN A 205 9.06 -8.85 15.32
N LEU A 206 7.97 -8.04 15.27
CA LEU A 206 7.77 -7.08 16.38
C LEU A 206 7.81 -7.78 17.73
N LEU A 207 7.17 -8.93 17.85
CA LEU A 207 7.10 -9.61 19.14
C LEU A 207 8.34 -10.42 19.48
N ASN A 208 9.06 -10.94 18.49
CA ASN A 208 10.04 -11.98 18.83
C ASN A 208 11.49 -11.49 18.69
N GLU A 209 11.69 -10.39 17.97
CA GLU A 209 13.08 -9.94 17.85
C GLU A 209 13.49 -9.12 19.07
N ASP A 210 14.79 -9.06 19.25
CA ASP A 210 15.34 -8.18 20.30
C ASP A 210 15.68 -6.82 19.70
N TRP A 211 14.83 -5.85 19.90
CA TRP A 211 14.98 -4.59 19.22
C TRP A 211 15.83 -3.62 20.01
N LYS A 212 16.70 -2.90 19.31
CA LYS A 212 17.53 -1.89 19.98
C LYS A 212 17.31 -0.55 19.30
N LEU A 213 17.12 0.50 20.07
CA LEU A 213 16.90 1.84 19.53
C LEU A 213 18.25 2.43 19.11
N GLU A 214 18.49 2.56 17.82
CA GLU A 214 19.77 3.01 17.28
C GLU A 214 19.59 4.26 16.42
N LYS A 215 20.69 4.94 16.10
CA LYS A 215 20.62 6.00 15.09
C LYS A 215 21.20 5.48 13.80
N ASN A 216 20.58 5.80 12.68
CA ASN A 216 21.12 5.39 11.39
C ASN A 216 22.05 6.47 10.85
N ASP A 217 22.52 6.26 9.61
CA ASP A 217 23.50 7.17 9.08
C ASP A 217 22.90 8.51 8.66
N ALA A 218 21.60 8.66 8.78
CA ALA A 218 20.98 9.97 8.47
C ALA A 218 20.64 10.65 9.79
N ASN A 219 21.12 10.09 10.91
CA ASN A 219 20.92 10.67 12.23
C ASN A 219 19.48 10.57 12.72
N ASN A 220 18.70 9.62 12.21
CA ASN A 220 17.35 9.35 12.67
C ASN A 220 17.36 8.06 13.49
N GLU A 221 16.51 8.05 14.54
CA GLU A 221 16.37 6.82 15.31
C GLU A 221 15.48 5.79 14.64
N GLN A 222 15.88 4.53 14.75
CA GLN A 222 15.02 3.42 14.28
C GLN A 222 15.37 2.24 15.17
N TRP A 223 14.48 1.25 15.18
CA TRP A 223 14.67 0.05 15.98
C TRP A 223 15.27 -1.07 15.14
N ASP A 224 16.39 -1.62 15.61
CA ASP A 224 17.10 -2.56 14.81
C ASP A 224 17.29 -3.87 15.56
N SER A 225 17.32 -4.99 14.84
CA SER A 225 17.57 -6.27 15.45
C SER A 225 18.87 -6.87 14.92
N LYS A 226 19.44 -7.76 15.74
CA LYS A 226 20.67 -8.41 15.33
C LYS A 226 20.46 -9.27 14.10
N SER A 227 19.24 -9.64 13.69
CA SER A 227 19.08 -10.41 12.47
C SER A 227 19.16 -9.51 11.23
N GLY A 228 19.27 -8.21 11.47
CA GLY A 228 19.37 -7.25 10.39
C GLY A 228 18.05 -6.65 9.95
N TYR A 229 17.06 -6.71 10.85
CA TYR A 229 15.77 -6.15 10.56
C TYR A 229 15.59 -4.79 11.24
N MET A 230 14.60 -4.03 10.76
CA MET A 230 14.38 -2.73 11.35
C MET A 230 12.87 -2.47 11.46
N MET A 231 12.54 -1.60 12.41
CA MET A 231 11.21 -1.06 12.57
C MET A 231 11.26 0.45 12.63
N LEU A 232 10.38 1.15 11.93
CA LEU A 232 10.20 2.59 12.17
C LEU A 232 9.69 2.87 13.58
N PRO A 233 9.94 4.06 14.10
CA PRO A 233 9.30 4.41 15.38
C PRO A 233 7.79 4.19 15.35
N THR A 234 7.10 4.53 14.27
CA THR A 234 5.65 4.30 14.20
C THR A 234 5.33 2.81 14.16
N ASP A 235 6.15 1.95 13.58
CA ASP A 235 5.94 0.50 13.64
C ASP A 235 6.02 -0.03 15.07
N TYR A 236 7.15 0.39 15.71
CA TYR A 236 7.37 -0.04 17.09
C TYR A 236 6.28 0.46 18.04
N SER A 237 5.65 1.58 17.70
CA SER A 237 4.60 2.12 18.57
C SER A 237 3.44 1.12 18.70
N LEU A 238 3.31 0.19 17.73
CA LEU A 238 2.25 -0.80 17.74
C LEU A 238 2.44 -1.80 18.88
N ILE A 239 3.65 -1.91 19.44
CA ILE A 239 3.79 -2.77 20.65
C ILE A 239 3.98 -1.94 21.91
N GLN A 240 4.04 -0.62 21.80
CA GLN A 240 4.12 0.27 22.96
C GLN A 240 2.74 0.62 23.47
N ASP A 241 1.75 0.67 22.60
CA ASP A 241 0.37 1.01 22.95
C ASP A 241 -0.38 -0.25 23.30
N PRO A 242 -1.07 -0.37 24.42
CA PRO A 242 -1.65 -1.67 24.78
C PRO A 242 -2.77 -2.13 23.87
N LYS A 243 -3.50 -1.17 23.26
CA LYS A 243 -4.59 -1.59 22.33
C LYS A 243 -4.02 -2.14 21.03
N TYR A 244 -2.99 -1.41 20.53
CA TYR A 244 -2.36 -1.94 19.31
C TYR A 244 -1.68 -3.27 19.61
N LEU A 245 -1.05 -3.41 20.79
CA LEU A 245 -0.28 -4.63 21.07
C LEU A 245 -1.17 -5.88 21.04
N SER A 246 -2.40 -5.78 21.57
N SER A 246 -2.38 -5.74 21.60
CA SER A 246 -3.26 -6.97 21.55
CA SER A 246 -3.30 -6.88 21.53
C SER A 246 -3.70 -7.35 20.13
C SER A 246 -3.52 -7.36 20.09
N ILE A 247 -3.73 -6.40 19.20
CA ILE A 247 -4.05 -6.75 17.79
C ILE A 247 -2.80 -7.30 17.12
N VAL A 248 -1.62 -6.73 17.42
CA VAL A 248 -0.36 -7.33 16.93
C VAL A 248 -0.27 -8.81 17.32
N LYS A 249 -0.56 -9.13 18.59
CA LYS A 249 -0.50 -10.51 19.04
C LYS A 249 -1.51 -11.37 18.30
N GLU A 250 -2.70 -10.82 18.04
CA GLU A 250 -3.72 -11.60 17.30
C GLU A 250 -3.21 -11.99 15.94
N TYR A 251 -2.66 -11.01 15.22
CA TYR A 251 -2.24 -11.30 13.82
C TYR A 251 -0.98 -12.14 13.82
N ALA A 252 -0.08 -12.02 14.83
CA ALA A 252 1.08 -12.89 14.92
C ALA A 252 0.67 -14.36 15.11
N ASN A 253 -0.52 -14.57 15.66
CA ASN A 253 -0.97 -15.94 16.01
C ASN A 253 -2.05 -16.45 15.07
N ASP A 254 -2.38 -15.71 14.02
CA ASP A 254 -3.49 -16.16 13.15
C ASP A 254 -3.27 -15.59 11.75
N GLN A 255 -2.52 -16.28 10.91
CA GLN A 255 -2.22 -15.86 9.54
C GLN A 255 -3.49 -15.56 8.74
N ASP A 256 -4.47 -16.43 8.86
CA ASP A 256 -5.71 -16.28 8.05
C ASP A 256 -6.47 -15.01 8.43
N LYS A 257 -6.57 -14.78 9.74
CA LYS A 257 -7.28 -13.58 10.23
C LYS A 257 -6.58 -12.31 9.75
N PHE A 258 -5.25 -12.30 9.78
CA PHE A 258 -4.52 -11.15 9.24
C PHE A 258 -4.84 -10.99 7.76
N PHE A 259 -4.81 -12.08 6.99
CA PHE A 259 -5.04 -11.96 5.56
C PHE A 259 -6.43 -11.41 5.32
N LYS A 260 -7.44 -11.92 6.03
CA LYS A 260 -8.79 -11.41 5.76
C LYS A 260 -8.96 -9.97 6.21
N ASP A 261 -8.39 -9.57 7.35
CA ASP A 261 -8.52 -8.18 7.79
C ASP A 261 -7.72 -7.20 6.91
N PHE A 262 -6.54 -7.63 6.47
CA PHE A 262 -5.76 -6.83 5.56
C PHE A 262 -6.55 -6.62 4.27
N SER A 263 -7.11 -7.72 3.73
CA SER A 263 -7.79 -7.56 2.43
C SER A 263 -8.89 -6.52 2.53
N LYS A 264 -9.70 -6.60 3.61
CA LYS A 264 -10.79 -5.64 3.77
C LYS A 264 -10.26 -4.22 3.94
N ALA A 265 -9.22 -4.01 4.76
CA ALA A 265 -8.74 -2.66 5.04
C ALA A 265 -8.08 -2.10 3.78
N PHE A 266 -7.37 -2.94 3.04
CA PHE A 266 -6.67 -2.41 1.86
C PHE A 266 -7.67 -2.03 0.76
N GLU A 267 -8.71 -2.88 0.55
CA GLU A 267 -9.74 -2.49 -0.42
C GLU A 267 -10.36 -1.16 -0.01
N LYS A 268 -10.68 -1.05 1.29
CA LYS A 268 -11.31 0.18 1.81
C LYS A 268 -10.41 1.37 1.57
N LEU A 269 -9.13 1.22 1.85
CA LEU A 269 -8.16 2.29 1.61
C LEU A 269 -8.20 2.76 0.16
N LEU A 270 -8.17 1.75 -0.74
CA LEU A 270 -8.13 2.05 -2.17
C LEU A 270 -9.46 2.61 -2.70
N GLU A 271 -10.53 2.42 -1.96
CA GLU A 271 -11.85 2.87 -2.42
C GLU A 271 -12.33 4.12 -1.67
N ASN A 272 -11.63 4.58 -0.64
CA ASN A 272 -12.08 5.78 0.12
C ASN A 272 -12.27 6.95 -0.87
N GLY A 273 -13.40 7.63 -0.71
CA GLY A 273 -13.72 8.79 -1.51
C GLY A 273 -14.60 8.52 -2.70
N ILE A 274 -14.77 7.24 -3.05
CA ILE A 274 -15.46 6.89 -4.27
C ILE A 274 -16.90 6.49 -4.01
N THR A 275 -17.84 7.07 -4.74
CA THR A 275 -19.22 6.62 -4.65
C THR A 275 -19.52 5.63 -5.77
N PHE A 276 -19.94 4.43 -5.42
CA PHE A 276 -20.23 3.46 -6.46
C PHE A 276 -21.75 3.38 -6.67
N PRO A 277 -22.17 3.63 -7.91
CA PRO A 277 -23.58 3.54 -8.23
C PRO A 277 -24.21 2.21 -7.82
N LYS A 278 -25.51 2.15 -7.50
CA LYS A 278 -26.08 0.86 -7.05
C LYS A 278 -25.98 -0.24 -8.11
N ASP A 279 -25.91 0.21 -9.35
CA ASP A 279 -25.82 -0.56 -10.56
C ASP A 279 -24.38 -0.81 -11.01
N ALA A 280 -23.42 -0.36 -10.24
CA ALA A 280 -22.02 -0.68 -10.58
C ALA A 280 -21.75 -2.17 -10.62
N PRO A 281 -20.77 -2.64 -11.40
CA PRO A 281 -20.42 -4.06 -11.29
C PRO A 281 -19.96 -4.40 -9.87
N SER A 282 -20.10 -5.64 -9.47
CA SER A 282 -19.57 -6.06 -8.19
C SER A 282 -18.05 -6.03 -8.26
N PRO A 283 -17.41 -6.03 -7.10
CA PRO A 283 -15.92 -6.04 -7.09
C PRO A 283 -15.39 -7.26 -7.83
N PHE A 284 -14.28 -7.10 -8.53
CA PHE A 284 -13.62 -8.19 -9.21
C PHE A 284 -12.62 -8.89 -8.31
N ILE A 285 -12.49 -10.21 -8.39
N ILE A 285 -12.55 -10.21 -8.41
CA ILE A 285 -11.39 -10.90 -7.69
CA ILE A 285 -11.57 -11.07 -7.80
C ILE A 285 -10.61 -11.60 -8.79
C ILE A 285 -10.66 -11.55 -8.94
N PHE A 286 -9.45 -11.02 -9.04
CA PHE A 286 -8.56 -11.55 -10.11
C PHE A 286 -7.87 -12.83 -9.76
N LYS A 287 -7.71 -13.69 -10.77
CA LYS A 287 -6.91 -14.90 -10.58
C LYS A 287 -5.43 -14.55 -10.67
N THR A 288 -4.64 -15.24 -9.83
CA THR A 288 -3.20 -15.03 -10.00
C THR A 288 -2.69 -15.72 -11.27
N LEU A 289 -1.47 -15.37 -11.68
CA LEU A 289 -0.87 -16.11 -12.79
C LEU A 289 -0.83 -17.60 -12.48
N GLU A 290 -0.40 -17.95 -11.27
CA GLU A 290 -0.29 -19.35 -10.89
C GLU A 290 -1.63 -20.06 -11.03
N GLU A 291 -2.74 -19.39 -10.63
CA GLU A 291 -4.06 -20.01 -10.70
C GLU A 291 -4.49 -20.19 -12.15
N GLN A 292 -3.96 -19.38 -13.06
CA GLN A 292 -4.28 -19.49 -14.48
C GLN A 292 -3.35 -20.42 -15.24
N GLY A 293 -2.33 -20.96 -14.58
CA GLY A 293 -1.33 -21.76 -15.28
C GLY A 293 -0.49 -20.91 -16.21
N LEU A 294 -0.33 -19.61 -15.92
CA LEU A 294 0.50 -18.74 -16.74
C LEU A 294 1.83 -18.38 -16.10
CHA HEM B . 7.96 1.73 3.05
CHB HEM B . 6.44 4.92 6.34
CHC HEM B . 2.10 2.85 6.30
CHD HEM B . 3.46 0.03 2.64
C1A HEM B . 7.90 2.76 3.95
C2A HEM B . 8.98 3.66 4.22
C3A HEM B . 8.58 4.53 5.16
C4A HEM B . 7.24 4.19 5.47
CMA HEM B . 9.38 5.65 5.82
CAA HEM B . 10.33 3.62 3.48
CBA HEM B . 10.25 4.35 2.12
CGA HEM B . 11.65 4.17 1.50
O1A HEM B . 12.65 4.59 2.07
O2A HEM B . 11.75 3.66 0.27
C1B HEM B . 5.15 4.56 6.69
C2B HEM B . 4.40 5.17 7.74
C3B HEM B . 3.16 4.58 7.79
C4B HEM B . 3.17 3.61 6.67
CMB HEM B . 4.89 6.32 8.64
CAB HEM B . 2.03 4.82 8.75
CBB HEM B . 2.14 5.21 10.04
C1C HEM B . 2.05 1.98 5.23
C2C HEM B . 0.85 1.37 4.73
C3C HEM B . 1.22 0.57 3.65
C4C HEM B . 2.65 0.71 3.51
CMC HEM B . -0.53 1.57 5.30
CAC HEM B . 0.38 -0.29 2.76
CBC HEM B . -0.66 -0.97 3.19
C1D HEM B . 4.82 0.21 2.54
C2D HEM B . 5.67 -0.67 1.67
C3D HEM B . 6.92 -0.22 1.76
C4D HEM B . 6.84 0.96 2.68
CMD HEM B . 5.15 -1.91 0.96
CAD HEM B . 8.22 -0.80 1.18
CBD HEM B . 8.49 0.00 -0.13
CGD HEM B . 9.78 -0.42 -0.82
O1D HEM B . 10.38 -1.43 -0.54
O2D HEM B . 10.07 0.27 -1.92
NA HEM B . 6.77 3.17 4.66
NB HEM B . 4.36 3.66 6.05
NC HEM B . 3.11 1.67 4.42
ND HEM B . 5.57 1.16 3.15
FE HEM B . 5.00 2.31 4.66
N2 2IM C . 9.56 -2.10 9.48
C1 2IM C . 9.67 -1.55 8.26
N1 2IM C . 8.88 -0.53 7.92
C4 2IM C . 8.85 0.03 6.53
C5 2IM C . 9.09 -1.03 5.48
C3 2IM C . 10.41 -1.77 5.81
C2 2IM C . 10.34 -2.39 7.21
#